data_5YJK
#
_entry.id   5YJK
#
_cell.length_a   59.286
_cell.length_b   86.576
_cell.length_c   89.059
_cell.angle_alpha   90.00
_cell.angle_beta   90.00
_cell.angle_gamma   90.00
#
_symmetry.space_group_name_H-M   'I 2 2 2'
#
loop_
_entity.id
_entity.type
_entity.pdbx_description
1 polymer Kallikrein-7
2 non-polymer (R)-2-(6-(5-chloro-2-methoxybenzyl)-3-(2,2-dimethylhydrazono)-7-oxo-1,4-diazepan-1-yl)-N-(3-(methylsulfonyl)phenyl)acetamide
3 non-polymer 'CHLORIDE ION'
4 water water
#
_entity_poly.entity_id   1
_entity_poly.type   'polypeptide(L)'
_entity_poly.pdbx_seq_one_letter_code
;IIDGAPCARGSHPWQVALLSGNQLHCGGVLVNERWVLTAAHCKMNEYTVHLGSDTLGDRRAQRIKASKSFRHPGYSTQTH
VNDLMLVKLNSQARLSSMVKKVRLPSRCEPPGTTCTVSGWGTTTSPDVTFPSDLMCVDVKLISPQDCTKVYKDLLENSML
CAGIPDSKKNACNGDSGGPLVCRGTLQGLVSWGTFPCGQPNDPGVYTQVCKFTKWINDTMKKHR
;
_entity_poly.pdbx_strand_id   A
#
# COMPACT_ATOMS: atom_id res chain seq x y z
N ILE A 1 1.54 -1.67 -10.92
CA ILE A 1 2.85 -2.37 -10.70
C ILE A 1 3.59 -2.50 -12.02
N ILE A 2 4.86 -2.12 -12.00
CA ILE A 2 5.71 -2.13 -13.18
C ILE A 2 6.70 -3.31 -13.20
N ASP A 3 6.77 -3.94 -14.38
CA ASP A 3 7.70 -5.02 -14.69
C ASP A 3 7.55 -6.17 -13.67
N GLY A 4 6.29 -6.43 -13.33
CA GLY A 4 5.91 -7.45 -12.39
C GLY A 4 5.14 -8.55 -13.08
N ALA A 5 4.60 -9.41 -12.23
CA ALA A 5 3.87 -10.61 -12.60
C ALA A 5 2.67 -10.76 -11.66
N PRO A 6 1.66 -11.52 -12.06
CA PRO A 6 0.52 -11.70 -11.18
C PRO A 6 0.92 -12.38 -9.94
N CYS A 7 0.44 -11.89 -8.80
CA CYS A 7 0.76 -12.47 -7.51
C CYS A 7 0.24 -13.87 -7.40
N ALA A 8 1.01 -14.74 -6.75
CA ALA A 8 0.60 -16.12 -6.61
C ALA A 8 -0.75 -16.14 -5.93
N ARG A 9 -1.68 -16.86 -6.56
CA ARG A 9 -3.04 -16.99 -6.10
C ARG A 9 -3.07 -17.38 -4.62
N GLY A 10 -3.71 -16.54 -3.81
CA GLY A 10 -3.86 -16.78 -2.36
C GLY A 10 -2.71 -16.36 -1.43
N SER A 11 -1.68 -15.68 -1.95
CA SER A 11 -0.58 -15.23 -1.09
C SER A 11 -0.69 -13.78 -0.57
N HIS A 12 -1.73 -13.05 -0.95
CA HIS A 12 -1.95 -11.72 -0.45
C HIS A 12 -3.38 -11.62 0.02
N PRO A 13 -3.74 -12.42 1.01
CA PRO A 13 -5.05 -12.47 1.61
C PRO A 13 -5.40 -11.20 2.36
N TRP A 14 -4.37 -10.49 2.81
CA TRP A 14 -4.49 -9.21 3.53
C TRP A 14 -4.63 -7.97 2.63
N GLN A 15 -4.48 -8.15 1.32
CA GLN A 15 -4.62 -7.06 0.38
C GLN A 15 -6.05 -6.71 0.17
N VAL A 16 -6.33 -5.42 0.10
CA VAL A 16 -7.67 -4.94 -0.24
C VAL A 16 -7.57 -3.84 -1.28
N ALA A 17 -8.70 -3.53 -1.88
CA ALA A 17 -8.70 -2.42 -2.82
C ALA A 17 -9.72 -1.40 -2.36
N LEU A 18 -9.47 -0.13 -2.66
CA LEU A 18 -10.43 0.91 -2.33
C LEU A 18 -11.01 1.46 -3.62
N LEU A 19 -12.33 1.39 -3.73
CA LEU A 19 -12.97 1.73 -4.96
C LEU A 19 -13.97 2.82 -4.74
N SER A 20 -14.07 3.65 -5.77
CA SER A 20 -15.09 4.65 -5.87
C SER A 20 -15.90 4.18 -7.00
N GLY A 21 -17.15 3.87 -6.75
CA GLY A 21 -17.98 3.21 -7.74
C GLY A 21 -17.43 1.81 -7.90
N ASN A 22 -17.28 1.34 -9.14
CA ASN A 22 -16.64 0.06 -9.38
C ASN A 22 -15.24 0.28 -9.92
N GLN A 23 -14.68 1.44 -9.60
CA GLN A 23 -13.44 1.84 -10.18
C GLN A 23 -12.33 2.11 -9.14
N LEU A 24 -11.15 1.60 -9.42
CA LEU A 24 -10.07 1.60 -8.45
C LEU A 24 -9.58 2.97 -7.98
N HIS A 25 -9.43 3.12 -6.67
CA HIS A 25 -8.91 4.34 -6.15
C HIS A 25 -7.51 4.13 -5.56
N CYS A 26 -7.41 3.23 -4.59
CA CYS A 26 -6.17 2.98 -3.89
C CYS A 26 -6.05 1.53 -3.56
N GLY A 27 -4.89 1.18 -3.06
CA GLY A 27 -4.65 -0.10 -2.49
C GLY A 27 -4.76 0.10 -1.00
N GLY A 28 -4.60 -0.99 -0.25
CA GLY A 28 -4.62 -0.94 1.18
C GLY A 28 -4.47 -2.32 1.73
N VAL A 29 -4.44 -2.39 3.06
CA VAL A 29 -4.37 -3.68 3.77
C VAL A 29 -5.35 -3.81 4.92
N LEU A 30 -5.58 -5.05 5.28
CA LEU A 30 -6.49 -5.36 6.29
C LEU A 30 -5.67 -5.58 7.55
N VAL A 31 -5.92 -4.73 8.53
CA VAL A 31 -5.31 -4.88 9.84
C VAL A 31 -6.06 -5.91 10.69
N ASN A 32 -7.39 -5.85 10.58
CA ASN A 32 -8.31 -6.82 11.19
C ASN A 32 -9.72 -6.68 10.65
N GLU A 33 -10.63 -7.40 11.29
CA GLU A 33 -12.00 -7.47 10.87
C GLU A 33 -12.64 -6.11 10.63
N ARG A 34 -12.35 -5.12 11.48
CA ARG A 34 -12.93 -3.78 11.35
C ARG A 34 -12.15 -2.76 10.55
N TRP A 35 -10.88 -2.97 10.29
CA TRP A 35 -10.04 -1.89 9.85
C TRP A 35 -9.09 -2.12 8.65
N VAL A 36 -8.95 -1.07 7.86
CA VAL A 36 -8.06 -1.01 6.71
C VAL A 36 -7.01 0.10 6.84
N LEU A 37 -5.77 -0.25 6.53
CA LEU A 37 -4.67 0.72 6.52
C LEU A 37 -4.29 1.04 5.08
N THR A 38 -4.17 2.32 4.78
CA THR A 38 -3.89 2.79 3.47
C THR A 38 -3.17 4.13 3.64
N ALA A 39 -2.96 4.84 2.54
CA ALA A 39 -2.36 6.16 2.59
C ALA A 39 -3.39 7.23 2.86
N ALA A 40 -2.98 8.23 3.61
CA ALA A 40 -3.77 9.41 3.89
C ALA A 40 -4.17 10.17 2.61
N HIS A 41 -3.33 10.13 1.58
CA HIS A 41 -3.73 10.75 0.32
C HIS A 41 -4.84 9.99 -0.45
N CYS A 42 -5.30 8.86 0.05
CA CYS A 42 -6.41 8.14 -0.56
C CYS A 42 -7.78 8.49 0.01
N LYS A 43 -7.76 9.40 0.96
CA LYS A 43 -8.93 9.93 1.64
C LYS A 43 -10.08 10.33 0.73
N MET A 44 -11.25 9.76 1.02
CA MET A 44 -12.53 10.04 0.36
C MET A 44 -13.61 10.07 1.45
N ASN A 45 -14.81 10.57 1.17
CA ASN A 45 -15.89 10.60 2.18
C ASN A 45 -16.39 9.19 2.46
N GLU A 46 -16.47 8.38 1.42
CA GLU A 46 -17.01 7.03 1.50
C GLU A 46 -16.16 6.16 0.65
N TYR A 47 -16.08 4.89 0.99
CA TYR A 47 -15.29 3.94 0.24
C TYR A 47 -16.03 2.64 0.11
N THR A 48 -15.76 1.95 -0.99
CA THR A 48 -16.17 0.58 -1.17
C THR A 48 -14.89 -0.23 -1.10
N VAL A 49 -14.82 -1.20 -0.20
CA VAL A 49 -13.58 -1.95 -0.05
C VAL A 49 -13.65 -3.34 -0.66
N HIS A 50 -12.81 -3.60 -1.64
CA HIS A 50 -12.70 -4.92 -2.23
C HIS A 50 -11.87 -5.79 -1.32
N LEU A 51 -12.37 -6.99 -1.02
CA LEU A 51 -11.61 -7.96 -0.27
C LEU A 51 -11.81 -9.37 -0.78
N GLY A 52 -10.90 -10.25 -0.38
CA GLY A 52 -10.94 -11.68 -0.64
C GLY A 52 -10.84 -12.27 -2.02
N SER A 53 -10.14 -11.60 -2.94
CA SER A 53 -9.76 -12.14 -4.24
C SER A 53 -8.68 -11.32 -4.90
N ASP A 54 -7.71 -12.01 -5.46
CA ASP A 54 -6.66 -11.33 -6.23
C ASP A 54 -7.28 -10.73 -7.47
N THR A 55 -8.47 -11.23 -7.83
CA THR A 55 -9.12 -10.77 -9.03
C THR A 55 -10.13 -9.69 -8.72
N LEU A 56 -9.90 -8.53 -9.30
CA LEU A 56 -10.80 -7.42 -9.14
C LEU A 56 -12.07 -7.66 -9.93
N GLY A 57 -13.18 -7.46 -9.25
CA GLY A 57 -14.51 -7.64 -9.87
C GLY A 57 -15.04 -9.06 -9.76
N ASP A 58 -14.38 -9.88 -8.94
CA ASP A 58 -14.77 -11.24 -8.79
C ASP A 58 -16.19 -11.33 -8.17
N ARG A 59 -16.84 -12.46 -8.45
CA ARG A 59 -18.12 -12.79 -7.83
C ARG A 59 -17.85 -13.27 -6.41
N ARG A 60 -16.78 -14.04 -6.22
CA ARG A 60 -16.42 -14.50 -4.89
C ARG A 60 -16.03 -13.39 -3.91
N ALA A 61 -15.66 -12.21 -4.42
CA ALA A 61 -15.12 -11.15 -3.60
C ALA A 61 -16.12 -10.54 -2.62
N GLN A 62 -15.58 -9.97 -1.57
CA GLN A 62 -16.40 -9.29 -0.60
C GLN A 62 -16.19 -7.83 -0.85
N ARG A 63 -17.29 -7.10 -0.85
CA ARG A 63 -17.23 -5.69 -0.85
C ARG A 63 -18.00 -5.22 0.34
N ILE A 64 -17.34 -4.40 1.14
CA ILE A 64 -17.89 -3.83 2.33
C ILE A 64 -17.66 -2.34 2.20
N LYS A 65 -18.68 -1.55 2.51
CA LYS A 65 -18.59 -0.09 2.49
C LYS A 65 -18.00 0.47 3.76
N ALA A 66 -17.38 1.63 3.64
CA ALA A 66 -16.83 2.28 4.82
C ALA A 66 -17.14 3.73 4.73
N SER A 67 -17.70 4.22 5.81
CA SER A 67 -18.14 5.61 5.89
C SER A 67 -17.26 6.49 6.77
N LYS A 68 -16.30 5.92 7.48
CA LYS A 68 -15.41 6.68 8.31
C LYS A 68 -13.97 6.30 8.00
N SER A 69 -13.09 7.30 8.02
CA SER A 69 -11.65 7.10 7.84
C SER A 69 -10.90 8.18 8.55
N PHE A 70 -9.75 7.83 9.14
CA PHE A 70 -8.99 8.81 9.92
C PHE A 70 -7.54 8.87 9.53
N ARG A 71 -7.18 9.95 8.84
CA ARG A 71 -5.81 10.18 8.48
C ARG A 71 -4.99 10.47 9.72
N HIS A 72 -3.69 10.28 9.57
CA HIS A 72 -2.76 10.56 10.63
C HIS A 72 -2.84 12.07 10.89
N PRO A 73 -2.83 12.49 12.17
CA PRO A 73 -2.91 13.88 12.62
C PRO A 73 -1.79 14.77 12.06
N GLY A 74 -0.63 14.17 11.81
CA GLY A 74 0.52 14.84 11.23
C GLY A 74 0.73 14.79 9.74
N TYR A 75 -0.27 14.39 8.96
CA TYR A 75 -0.09 14.28 7.50
C TYR A 75 -0.04 15.63 6.81
N SER A 76 0.86 15.80 5.85
CA SER A 76 0.89 17.03 5.12
C SER A 76 0.45 16.78 3.72
N THR A 77 -0.48 17.64 3.28
CA THR A 77 -0.91 17.66 1.89
C THR A 77 0.19 18.24 0.97
N GLN A 78 1.07 19.08 1.51
CA GLN A 78 2.15 19.63 0.69
C GLN A 78 3.28 18.66 0.55
N THR A 79 3.67 17.99 1.63
CA THR A 79 4.86 17.14 1.57
C THR A 79 4.65 15.65 1.57
N HIS A 80 3.45 15.24 2.01
CA HIS A 80 3.04 13.84 2.14
C HIS A 80 3.86 13.08 3.17
N VAL A 81 4.29 13.80 4.19
CA VAL A 81 4.86 13.23 5.36
C VAL A 81 3.71 12.63 6.15
N ASN A 82 4.00 11.55 6.88
CA ASN A 82 2.99 10.80 7.62
C ASN A 82 1.79 10.33 6.75
N ASP A 83 2.06 9.88 5.53
CA ASP A 83 1.02 9.43 4.62
C ASP A 83 0.46 8.06 5.04
N LEU A 84 -0.45 8.08 6.01
CA LEU A 84 -1.18 6.89 6.43
C LEU A 84 -2.57 7.22 6.98
N MET A 85 -3.49 6.27 6.81
CA MET A 85 -4.89 6.47 7.20
C MET A 85 -5.55 5.15 7.54
N LEU A 86 -6.44 5.20 8.52
CA LEU A 86 -7.24 4.05 8.89
C LEU A 86 -8.63 4.19 8.36
N VAL A 87 -9.14 3.13 7.76
CA VAL A 87 -10.49 3.10 7.26
C VAL A 87 -11.34 2.11 8.07
N LYS A 88 -12.44 2.57 8.63
CA LYS A 88 -13.33 1.73 9.40
C LYS A 88 -14.43 1.22 8.54
N LEU A 89 -14.52 -0.12 8.46
CA LEU A 89 -15.53 -0.79 7.65
C LEU A 89 -16.87 -0.66 8.35
N ASN A 90 -17.95 -0.46 7.58
CA ASN A 90 -19.30 -0.32 8.16
C ASN A 90 -19.73 -1.60 8.84
N SER A 91 -19.24 -2.74 8.33
CA SER A 91 -19.42 -4.02 8.98
C SER A 91 -18.18 -4.87 8.87
N GLN A 92 -18.08 -5.84 9.78
CA GLN A 92 -16.88 -6.64 9.92
C GLN A 92 -16.68 -7.54 8.70
N ALA A 93 -15.43 -7.61 8.28
CA ALA A 93 -15.01 -8.50 7.24
C ALA A 93 -15.02 -9.92 7.80
N ARG A 94 -15.39 -10.87 6.94
CA ARG A 94 -15.55 -12.26 7.34
C ARG A 94 -14.29 -12.96 6.90
N LEU A 95 -13.45 -13.30 7.85
CA LEU A 95 -12.17 -13.91 7.53
C LEU A 95 -12.30 -15.28 6.92
N SER A 96 -11.37 -15.57 6.07
CA SER A 96 -11.27 -16.88 5.47
C SER A 96 -9.83 -17.13 5.13
N SER A 97 -9.60 -18.17 4.37
CA SER A 97 -8.27 -18.46 3.84
C SER A 97 -7.94 -17.36 2.85
N MET A 98 -8.95 -16.85 2.14
CA MET A 98 -8.76 -15.65 1.30
C MET A 98 -8.82 -14.28 2.03
N VAL A 99 -9.17 -14.22 3.31
CA VAL A 99 -9.21 -12.93 4.02
C VAL A 99 -8.49 -13.03 5.33
N LYS A 100 -7.34 -12.42 5.39
CA LYS A 100 -6.53 -12.47 6.59
C LYS A 100 -6.03 -11.10 6.98
N LYS A 101 -5.69 -10.98 8.25
CA LYS A 101 -5.02 -9.83 8.77
C LYS A 101 -3.59 -9.79 8.27
N VAL A 102 -3.07 -8.59 8.11
CA VAL A 102 -1.67 -8.44 7.87
C VAL A 102 -0.95 -8.54 9.22
N ARG A 103 0.21 -9.17 9.17
CA ARG A 103 1.14 -9.24 10.26
C ARG A 103 1.79 -7.85 10.34
N LEU A 104 1.44 -7.04 11.34
CA LEU A 104 2.05 -5.73 11.55
C LEU A 104 3.47 -5.88 12.12
N PRO A 105 4.40 -5.03 11.69
CA PRO A 105 5.78 -5.20 12.15
C PRO A 105 6.01 -4.90 13.62
N SER A 106 6.85 -5.67 14.25
CA SER A 106 7.32 -5.28 15.54
C SER A 106 8.78 -4.82 15.37
N ARG A 107 9.19 -4.55 14.15
CA ARG A 107 10.57 -4.27 13.86
C ARG A 107 10.71 -3.58 12.53
N CYS A 108 11.66 -2.65 12.44
CA CYS A 108 11.94 -2.01 11.15
C CYS A 108 12.96 -2.86 10.49
N GLU A 109 12.62 -3.44 9.37
CA GLU A 109 13.60 -4.14 8.60
C GLU A 109 14.60 -3.16 7.98
N PRO A 110 15.86 -3.57 7.90
CA PRO A 110 17.05 -2.86 7.46
C PRO A 110 17.21 -2.73 5.94
N PRO A 111 18.14 -1.90 5.51
CA PRO A 111 18.32 -1.70 4.07
C PRO A 111 18.77 -2.97 3.40
N GLY A 112 18.39 -3.13 2.16
CA GLY A 112 18.74 -4.31 1.40
C GLY A 112 17.87 -5.55 1.55
N THR A 113 16.88 -5.56 2.44
CA THR A 113 15.99 -6.70 2.61
C THR A 113 15.06 -6.86 1.41
N THR A 114 14.79 -8.10 1.01
CA THR A 114 13.92 -8.37 -0.13
C THR A 114 12.47 -8.20 0.30
N CYS A 115 11.73 -7.46 -0.50
CA CYS A 115 10.34 -7.16 -0.18
C CYS A 115 9.50 -7.31 -1.40
N THR A 116 8.23 -7.59 -1.20
CA THR A 116 7.32 -7.67 -2.33
C THR A 116 6.35 -6.49 -2.28
N VAL A 117 6.07 -5.84 -3.40
CA VAL A 117 4.98 -4.85 -3.45
C VAL A 117 3.88 -5.29 -4.45
N SER A 118 2.62 -5.12 -4.04
CA SER A 118 1.47 -5.57 -4.80
C SER A 118 0.39 -4.52 -5.03
N GLY A 119 -0.33 -4.65 -6.15
CA GLY A 119 -1.43 -3.76 -6.43
C GLY A 119 -2.14 -4.08 -7.74
N TRP A 120 -3.30 -3.44 -7.94
CA TRP A 120 -4.05 -3.49 -9.24
C TRP A 120 -3.84 -2.22 -10.10
N GLY A 121 -2.76 -1.48 -9.84
CA GLY A 121 -2.52 -0.20 -10.48
C GLY A 121 -2.01 -0.35 -11.88
N THR A 122 -1.85 0.76 -12.57
CA THR A 122 -1.42 0.70 -13.95
C THR A 122 -0.10 -0.08 -14.08
N THR A 123 -0.19 -0.95 -15.06
CA THR A 123 0.87 -1.82 -15.37
C THR A 123 1.83 -1.09 -16.35
N THR A 124 1.40 0.07 -16.85
CA THR A 124 2.23 0.92 -17.70
C THR A 124 2.18 2.39 -17.33
N SER A 125 3.21 3.10 -17.76
CA SER A 125 3.35 4.54 -17.50
C SER A 125 4.14 5.16 -18.60
N PRO A 126 3.70 6.33 -19.15
CA PRO A 126 2.55 7.24 -18.89
C PRO A 126 1.20 6.73 -19.40
N ASP A 127 1.21 5.96 -20.47
CA ASP A 127 -0.03 5.33 -20.95
CA ASP A 127 0.04 5.25 -21.00
C ASP A 127 -0.50 4.25 -19.98
N VAL A 128 -1.77 4.32 -19.62
CA VAL A 128 -2.26 3.45 -18.54
C VAL A 128 -3.01 2.15 -18.93
N THR A 129 -2.69 1.06 -18.23
CA THR A 129 -3.31 -0.24 -18.43
C THR A 129 -3.64 -0.91 -17.10
N PHE A 130 -4.94 -0.97 -16.78
CA PHE A 130 -5.34 -1.56 -15.51
C PHE A 130 -5.73 -3.07 -15.56
N PRO A 131 -5.05 -3.86 -14.71
CA PRO A 131 -5.21 -5.28 -14.56
C PRO A 131 -6.25 -5.65 -13.50
N SER A 132 -6.99 -6.72 -13.75
CA SER A 132 -7.87 -7.27 -12.74
C SER A 132 -7.10 -8.16 -11.79
N ASP A 133 -6.01 -8.71 -12.30
CA ASP A 133 -5.15 -9.55 -11.50
C ASP A 133 -4.25 -8.73 -10.67
N LEU A 134 -4.19 -9.05 -9.39
CA LEU A 134 -3.27 -8.36 -8.51
C LEU A 134 -1.85 -8.67 -8.99
N MET A 135 -1.02 -7.63 -9.07
CA MET A 135 0.32 -7.74 -9.55
C MET A 135 1.37 -7.58 -8.45
N CYS A 136 2.48 -8.32 -8.59
CA CYS A 136 3.55 -8.34 -7.59
C CYS A 136 4.91 -7.99 -8.21
N VAL A 137 5.75 -7.32 -7.43
CA VAL A 137 7.12 -7.07 -7.85
C VAL A 137 8.01 -7.06 -6.66
N ASP A 138 9.14 -7.73 -6.80
CA ASP A 138 10.07 -7.81 -5.71
C ASP A 138 11.10 -6.69 -5.83
N VAL A 139 11.31 -6.03 -4.69
CA VAL A 139 12.25 -4.92 -4.54
C VAL A 139 12.99 -5.00 -3.22
N LYS A 140 14.09 -4.28 -3.18
CA LYS A 140 14.87 -4.26 -1.97
C LYS A 140 14.74 -2.92 -1.29
N LEU A 141 14.71 -2.95 0.04
CA LEU A 141 14.77 -1.72 0.82
C LEU A 141 16.10 -0.99 0.54
N ILE A 142 16.00 0.30 0.21
CA ILE A 142 17.15 1.15 0.01
C ILE A 142 17.34 2.02 1.23
N SER A 143 18.59 2.23 1.60
CA SER A 143 18.90 2.95 2.83
C SER A 143 18.56 4.42 2.72
N PRO A 144 18.34 5.07 3.88
CA PRO A 144 17.93 6.46 3.88
C PRO A 144 18.87 7.40 3.14
N GLN A 145 20.17 7.36 3.44
CA GLN A 145 21.16 8.24 2.76
C GLN A 145 21.33 7.93 1.28
N ASP A 146 21.20 6.66 0.93
CA ASP A 146 21.19 6.27 -0.48
C ASP A 146 20.03 6.92 -1.19
N CYS A 147 18.85 6.89 -0.57
CA CYS A 147 17.65 7.46 -1.17
C CYS A 147 17.68 8.99 -1.25
N THR A 148 18.33 9.60 -0.26
CA THR A 148 18.42 11.06 -0.13
C THR A 148 19.22 11.63 -1.24
N LYS A 149 20.17 10.86 -1.74
CA LYS A 149 20.92 11.24 -2.94
C LYS A 149 20.01 11.61 -4.07
N VAL A 150 18.95 10.83 -4.22
CA VAL A 150 17.98 11.03 -5.28
C VAL A 150 16.92 12.05 -4.93
N TYR A 151 16.33 11.94 -3.74
CA TYR A 151 15.17 12.77 -3.41
C TYR A 151 15.45 13.98 -2.52
N LYS A 152 16.69 14.10 -2.04
CA LYS A 152 17.14 15.29 -1.29
C LYS A 152 16.19 15.63 -0.10
N ASP A 153 15.69 16.86 -0.08
CA ASP A 153 14.86 17.36 1.02
C ASP A 153 13.42 16.87 1.06
N LEU A 154 12.96 16.17 0.02
CA LEU A 154 11.60 15.60 0.03
C LEU A 154 11.41 14.49 1.04
N LEU A 155 12.52 13.87 1.45
CA LEU A 155 12.51 12.71 2.35
C LEU A 155 12.49 12.96 3.85
N GLU A 156 11.59 12.24 4.54
CA GLU A 156 11.56 12.19 5.98
C GLU A 156 12.13 10.89 6.39
N ASN A 157 12.48 10.77 7.67
CA ASN A 157 12.99 9.52 8.21
C ASN A 157 11.90 8.49 8.52
N SER A 158 10.64 8.89 8.38
CA SER A 158 9.53 8.00 8.53
C SER A 158 9.12 7.49 7.19
N MET A 159 9.83 7.87 6.12
CA MET A 159 9.55 7.33 4.80
C MET A 159 10.63 6.37 4.46
N LEU A 160 10.26 5.29 3.77
CA LEU A 160 11.16 4.21 3.41
C LEU A 160 11.22 4.04 1.89
N CYS A 161 12.40 3.71 1.38
CA CYS A 161 12.59 3.60 -0.05
C CYS A 161 12.90 2.21 -0.51
N ALA A 162 12.35 1.85 -1.67
CA ALA A 162 12.59 0.53 -2.26
C ALA A 162 12.62 0.51 -3.78
N GLY A 163 13.49 -0.35 -4.29
CA GLY A 163 13.70 -0.49 -5.71
C GLY A 163 14.76 -1.52 -6.02
N ILE A 164 15.03 -1.65 -7.29
CA ILE A 164 16.10 -2.50 -7.74
C ILE A 164 16.94 -1.59 -8.62
N PRO A 165 18.28 -1.71 -8.52
CA PRO A 165 19.25 -0.95 -9.30
C PRO A 165 19.09 -1.17 -10.79
N ASP A 166 19.00 -0.07 -11.52
CA ASP A 166 18.79 -0.03 -12.98
C ASP A 166 17.52 -0.70 -13.43
N SER A 167 16.54 -0.72 -12.52
CA SER A 167 15.36 -1.45 -12.75
C SER A 167 14.14 -0.55 -12.88
N LYS A 168 13.23 -0.98 -13.74
CA LYS A 168 11.92 -0.38 -13.94
C LYS A 168 10.93 -0.89 -12.88
N LYS A 169 11.35 -1.82 -12.03
CA LYS A 169 10.41 -2.41 -11.10
C LYS A 169 9.97 -1.42 -10.04
N ASN A 170 8.66 -1.16 -10.00
CA ASN A 170 8.12 -0.23 -9.07
C ASN A 170 6.61 -0.29 -9.01
N ALA A 171 6.05 0.62 -8.23
CA ALA A 171 4.62 0.80 -8.13
C ALA A 171 4.21 2.02 -8.98
N CYS A 172 2.95 2.10 -9.32
CA CYS A 172 2.48 3.17 -10.12
C CYS A 172 1.08 3.56 -9.70
N ASN A 173 0.44 4.41 -10.51
CA ASN A 173 -0.91 4.93 -10.21
C ASN A 173 -1.96 3.85 -9.95
N GLY A 174 -2.61 3.95 -8.81
CA GLY A 174 -3.58 2.95 -8.37
C GLY A 174 -3.01 1.98 -7.35
N ASP A 175 -1.71 1.82 -7.34
CA ASP A 175 -1.03 1.01 -6.33
C ASP A 175 -0.96 1.67 -4.97
N SER A 176 -1.23 2.98 -4.94
CA SER A 176 -1.23 3.85 -3.77
C SER A 176 -1.92 3.26 -2.55
N GLY A 177 -1.25 3.34 -1.41
CA GLY A 177 -1.81 2.87 -0.14
C GLY A 177 -1.62 1.38 0.13
N GLY A 178 -1.19 0.63 -0.90
CA GLY A 178 -1.04 -0.81 -0.90
C GLY A 178 0.22 -1.24 -0.19
N PRO A 179 0.40 -2.54 0.06
CA PRO A 179 1.44 -2.98 0.95
C PRO A 179 2.83 -3.23 0.37
N LEU A 180 3.81 -3.02 1.22
CA LEU A 180 5.14 -3.51 0.96
C LEU A 180 5.47 -4.45 2.11
N VAL A 181 5.46 -5.74 1.85
CA VAL A 181 5.88 -6.67 2.90
C VAL A 181 7.28 -7.22 2.65
N CYS A 182 7.97 -7.39 3.77
CA CYS A 182 9.35 -7.87 3.82
C CYS A 182 9.39 -8.80 5.02
N ARG A 183 9.86 -10.01 4.77
CA ARG A 183 9.91 -11.12 5.72
C ARG A 183 8.63 -11.30 6.52
N GLY A 184 7.51 -11.26 5.82
CA GLY A 184 6.23 -11.52 6.41
C GLY A 184 5.52 -10.45 7.21
N THR A 185 6.13 -9.29 7.43
CA THR A 185 5.44 -8.21 8.12
C THR A 185 5.33 -7.03 7.20
N LEU A 186 4.31 -6.21 7.44
CA LEU A 186 4.08 -5.02 6.67
C LEU A 186 5.14 -3.95 7.01
N GLN A 187 5.93 -3.56 6.02
CA GLN A 187 6.99 -2.53 6.22
C GLN A 187 6.66 -1.22 5.50
N GLY A 188 5.92 -1.28 4.40
CA GLY A 188 5.58 -0.08 3.67
C GLY A 188 4.18 0.06 3.15
N LEU A 189 3.74 1.32 3.04
CA LEU A 189 2.50 1.67 2.33
C LEU A 189 2.88 2.55 1.20
N VAL A 190 2.44 2.19 0.01
CA VAL A 190 2.86 2.91 -1.18
C VAL A 190 2.42 4.38 -1.15
N SER A 191 3.37 5.30 -1.22
CA SER A 191 3.07 6.73 -1.07
C SER A 191 3.34 7.61 -2.28
N TRP A 192 4.58 7.66 -2.76
CA TRP A 192 4.93 8.53 -3.86
C TRP A 192 6.20 8.12 -4.58
N GLY A 193 6.47 8.76 -5.69
CA GLY A 193 7.66 8.47 -6.50
C GLY A 193 7.70 9.40 -7.67
N THR A 194 8.41 9.04 -8.74
CA THR A 194 8.53 9.94 -9.89
C THR A 194 7.66 9.50 -11.08
N PHE A 195 7.39 10.44 -11.96
CA PHE A 195 6.52 10.21 -13.08
C PHE A 195 7.22 10.45 -14.41
N PRO A 196 7.13 9.49 -15.35
CA PRO A 196 6.38 8.24 -15.34
C PRO A 196 6.98 7.24 -14.40
N CYS A 197 6.17 6.26 -14.04
CA CYS A 197 6.58 5.24 -13.15
C CYS A 197 7.61 4.36 -13.81
N GLY A 198 8.46 3.73 -13.02
CA GLY A 198 9.42 2.79 -13.57
C GLY A 198 10.66 3.37 -14.18
N GLN A 199 10.93 4.65 -13.97
CA GLN A 199 12.21 5.20 -14.37
C GLN A 199 13.24 4.51 -13.51
N PRO A 200 14.27 3.91 -14.12
CA PRO A 200 15.32 3.31 -13.32
C PRO A 200 16.08 4.32 -12.47
N ASN A 201 16.43 3.84 -11.29
CA ASN A 201 17.17 4.60 -10.30
C ASN A 201 16.35 5.70 -9.61
N ASP A 202 15.04 5.67 -9.85
CA ASP A 202 14.08 6.52 -9.14
C ASP A 202 13.28 5.62 -8.19
N PRO A 203 13.72 5.54 -6.93
CA PRO A 203 13.06 4.63 -6.00
C PRO A 203 11.62 5.01 -5.68
N GLY A 204 10.79 4.00 -5.49
CA GLY A 204 9.50 4.20 -4.94
C GLY A 204 9.59 4.55 -3.46
N VAL A 205 8.73 5.45 -3.01
CA VAL A 205 8.76 5.90 -1.62
C VAL A 205 7.54 5.42 -0.81
N TYR A 206 7.82 4.90 0.36
CA TYR A 206 6.81 4.28 1.17
C TYR A 206 6.80 4.88 2.53
N THR A 207 5.59 4.89 3.09
CA THR A 207 5.38 5.22 4.43
C THR A 207 5.86 4.05 5.26
N GLN A 208 6.76 4.35 6.19
CA GLN A 208 7.41 3.31 6.93
C GLN A 208 6.67 2.89 8.20
N VAL A 209 5.85 1.86 8.02
CA VAL A 209 4.89 1.36 9.02
C VAL A 209 5.53 1.15 10.38
N CYS A 210 6.76 0.62 10.43
CA CYS A 210 7.37 0.29 11.73
C CYS A 210 7.51 1.53 12.66
N LYS A 211 7.42 2.73 12.08
CA LYS A 211 7.41 3.97 12.85
C LYS A 211 6.04 4.38 13.43
N PHE A 212 4.98 3.67 13.08
CA PHE A 212 3.64 4.12 13.40
C PHE A 212 2.76 3.10 14.07
N THR A 213 3.32 1.98 14.54
CA THR A 213 2.47 0.94 15.12
C THR A 213 1.64 1.46 16.29
N LYS A 214 2.23 2.35 17.06
CA LYS A 214 1.60 2.88 18.23
C LYS A 214 0.42 3.72 17.86
N TRP A 215 0.58 4.63 16.91
CA TRP A 215 -0.59 5.40 16.48
C TRP A 215 -1.67 4.49 15.92
N ILE A 216 -1.29 3.45 15.19
CA ILE A 216 -2.23 2.55 14.57
C ILE A 216 -3.04 1.84 15.62
N ASN A 217 -2.38 1.19 16.56
CA ASN A 217 -3.05 0.49 17.63
C ASN A 217 -3.89 1.45 18.48
N ASP A 218 -3.35 2.62 18.79
CA ASP A 218 -4.09 3.61 19.56
C ASP A 218 -5.32 4.10 18.84
N THR A 219 -5.26 4.23 17.54
CA THR A 219 -6.44 4.72 16.84
C THR A 219 -7.53 3.65 16.77
N MET A 220 -7.13 2.40 16.61
CA MET A 220 -8.11 1.33 16.58
C MET A 220 -8.90 1.19 17.91
N LYS A 221 -8.16 1.20 18.99
CA LYS A 221 -8.68 1.24 20.34
C LYS A 221 -9.54 2.45 20.57
N LYS A 222 -9.10 3.59 20.07
CA LYS A 222 -9.84 4.84 20.26
C LYS A 222 -11.24 4.74 19.75
N HIS A 223 -11.39 4.25 18.53
CA HIS A 223 -12.71 4.19 17.90
C HIS A 223 -13.41 2.85 18.02
N ARG A 224 -13.26 2.21 19.17
CA ARG A 224 -13.89 0.91 19.35
C ARG A 224 -15.38 1.14 19.44
#